data_4FKX
#
_entry.id   4FKX
#
_cell.length_a   71.630
_cell.length_b   121.370
_cell.length_c   112.870
_cell.angle_alpha   90.000
_cell.angle_beta   90.000
_cell.angle_gamma   90.000
#
_symmetry.space_group_name_H-M   'C 2 2 21'
#
loop_
_entity.id
_entity.type
_entity.pdbx_description
1 polymer 'Nucleoside diphosphate kinase'
2 non-polymer "CYTIDINE-5'-DIPHOSPHATE"
3 non-polymer 'MAGNESIUM ION'
4 non-polymer (4S)-2-METHYL-2,4-PENTANEDIOL
5 water water
#
_entity_poly.entity_id   1
_entity_poly.type   'polypeptide(L)'
_entity_poly.pdbx_seq_one_letter_code
;MAHHHHHHMPSERTFIAVKPDGVQRNLVGEIIKRFENKGYKLVGLKLLQPTEEQAKQHYIDLASKPFYSGLVSYFSSGPI
VGMVWEGLGVVKGGRVLLGATNPADSLPGTIRGDFAVDVGRNVCHGSDSVESAKREIAFWFKAEELVSWTSHSVKQIYER
A
;
_entity_poly.pdbx_strand_id   A,B,C
#
# COMPACT_ATOMS: atom_id res chain seq x y z
N MET A 9 14.00 15.60 -2.21
CA MET A 9 14.71 14.30 -2.32
C MET A 9 13.79 13.15 -1.86
N PRO A 10 13.96 11.94 -2.43
CA PRO A 10 13.13 10.80 -1.98
C PRO A 10 13.31 10.36 -0.50
N SER A 11 14.31 10.90 0.22
CA SER A 11 14.50 10.58 1.65
C SER A 11 13.63 11.42 2.62
N GLU A 12 12.78 12.28 2.10
CA GLU A 12 11.83 13.02 2.96
C GLU A 12 11.00 12.02 3.76
N ARG A 13 10.67 12.39 5.00
CA ARG A 13 9.83 11.54 5.85
C ARG A 13 8.67 12.31 6.44
N THR A 14 7.59 11.58 6.70
CA THR A 14 6.43 12.14 7.37
C THR A 14 5.90 11.22 8.46
N PHE A 15 5.19 11.82 9.43
CA PHE A 15 4.52 11.06 10.49
C PHE A 15 3.02 10.94 10.16
N ILE A 16 2.52 9.70 10.10
CA ILE A 16 1.13 9.39 9.92
C ILE A 16 0.64 8.60 11.12
N ALA A 17 -0.54 8.92 11.62
CA ALA A 17 -1.11 8.16 12.71
C ALA A 17 -2.53 7.77 12.39
N VAL A 18 -2.85 6.51 12.64
CA VAL A 18 -4.23 6.08 12.72
C VAL A 18 -4.71 6.50 14.10
N LYS A 19 -5.71 7.38 14.15
CA LYS A 19 -6.24 7.88 15.39
C LYS A 19 -7.10 6.82 16.11
N PRO A 20 -7.50 7.08 17.35
CA PRO A 20 -8.18 5.98 18.06
C PRO A 20 -9.43 5.46 17.40
N ASP A 21 -10.20 6.31 16.73
CA ASP A 21 -11.36 5.85 15.97
C ASP A 21 -10.98 4.98 14.79
N GLY A 22 -9.88 5.31 14.13
CA GLY A 22 -9.42 4.51 13.00
C GLY A 22 -8.98 3.11 13.44
N VAL A 23 -8.36 3.03 14.60
CA VAL A 23 -7.98 1.72 15.16
C VAL A 23 -9.23 0.94 15.54
N GLN A 24 -10.14 1.59 16.24
CA GLN A 24 -11.38 0.95 16.68
C GLN A 24 -12.23 0.44 15.52
N ARG A 25 -12.23 1.21 14.44
CA ARG A 25 -13.00 0.84 13.24
C ARG A 25 -12.23 0.01 12.23
N ASN A 26 -11.10 -0.59 12.64
CA ASN A 26 -10.41 -1.60 11.82
C ASN A 26 -9.92 -1.04 10.46
N LEU A 27 -9.29 0.13 10.50
CA LEU A 27 -8.79 0.81 9.31
C LEU A 27 -7.27 0.83 9.27
N VAL A 28 -6.61 0.11 10.17
CA VAL A 28 -5.12 0.14 10.20
C VAL A 28 -4.54 -0.43 8.92
N GLY A 29 -4.96 -1.64 8.59
CA GLY A 29 -4.45 -2.31 7.38
C GLY A 29 -4.77 -1.54 6.13
N GLU A 30 -6.02 -1.09 6.01
CA GLU A 30 -6.41 -0.30 4.82
C GLU A 30 -5.54 0.95 4.63
N ILE A 31 -5.27 1.66 5.73
CA ILE A 31 -4.46 2.87 5.65
C ILE A 31 -3.02 2.55 5.25
N ILE A 32 -2.45 1.52 5.85
CA ILE A 32 -1.09 1.13 5.49
C ILE A 32 -1.01 0.69 4.03
N LYS A 33 -2.00 -0.08 3.58
CA LYS A 33 -2.03 -0.54 2.20
CA LYS A 33 -2.07 -0.50 2.18
C LYS A 33 -1.98 0.66 1.23
N ARG A 34 -2.74 1.71 1.52
CA ARG A 34 -2.77 2.85 0.63
C ARG A 34 -1.39 3.50 0.48
N PHE A 35 -0.66 3.61 1.57
CA PHE A 35 0.69 4.16 1.54
C PHE A 35 1.67 3.20 0.84
N GLU A 36 1.57 1.89 1.10
CA GLU A 36 2.41 0.91 0.39
C GLU A 36 2.14 0.94 -1.11
N ASN A 37 0.86 0.95 -1.46
CA ASN A 37 0.48 0.93 -2.88
C ASN A 37 1.03 2.12 -3.66
N LYS A 38 1.13 3.27 -3.00
CA LYS A 38 1.56 4.52 -3.62
C LYS A 38 3.04 4.47 -3.96
N GLY A 39 3.80 3.67 -3.20
CA GLY A 39 5.25 3.56 -3.42
C GLY A 39 6.06 4.08 -2.27
N TYR A 40 5.38 4.54 -1.23
CA TYR A 40 6.09 5.06 -0.05
C TYR A 40 6.66 3.91 0.80
N LYS A 41 7.72 4.22 1.53
CA LYS A 41 8.50 3.21 2.26
C LYS A 41 8.25 3.35 3.75
N LEU A 42 7.86 2.25 4.38
CA LEU A 42 7.59 2.25 5.81
C LEU A 42 8.90 2.12 6.57
N VAL A 43 9.23 3.12 7.41
CA VAL A 43 10.45 3.10 8.20
C VAL A 43 10.23 3.16 9.72
N GLY A 44 8.99 3.34 10.16
CA GLY A 44 8.67 3.23 11.57
C GLY A 44 7.23 2.84 11.73
N LEU A 45 6.95 1.97 12.69
CA LEU A 45 5.59 1.48 12.91
C LEU A 45 5.43 0.99 14.34
N LYS A 46 4.45 1.54 15.03
CA LYS A 46 4.15 1.09 16.37
C LYS A 46 2.72 1.35 16.79
N LEU A 47 2.24 0.48 17.66
CA LEU A 47 0.98 0.64 18.36
C LEU A 47 1.30 1.16 19.74
N LEU A 48 0.64 2.25 20.11
CA LEU A 48 0.79 2.81 21.45
C LEU A 48 -0.45 3.53 21.92
N GLN A 49 -0.48 3.77 23.22
CA GLN A 49 -1.53 4.47 23.88
C GLN A 49 -1.03 5.86 24.22
N PRO A 50 -1.44 6.92 23.47
CA PRO A 50 -0.93 8.24 23.87
C PRO A 50 -1.41 8.65 25.24
N THR A 51 -0.57 9.36 25.98
CA THR A 51 -1.02 10.00 27.20
C THR A 51 -1.64 11.34 26.85
N GLU A 52 -2.44 11.89 27.77
CA GLU A 52 -2.99 13.23 27.58
C GLU A 52 -1.89 14.26 27.31
N GLU A 53 -0.77 14.17 28.03
CA GLU A 53 0.28 15.17 27.85
C GLU A 53 0.95 15.01 26.49
N GLN A 54 1.07 13.78 26.02
CA GLN A 54 1.58 13.60 24.68
C GLN A 54 0.65 14.22 23.65
N ALA A 55 -0.65 14.02 23.82
CA ALA A 55 -1.63 14.58 22.89
C ALA A 55 -1.56 16.10 22.93
N LYS A 56 -1.49 16.68 24.13
CA LYS A 56 -1.34 18.13 24.26
C LYS A 56 -0.15 18.70 23.50
N GLN A 57 0.99 18.05 23.61
CA GLN A 57 2.21 18.50 22.93
C GLN A 57 2.14 18.32 21.41
N HIS A 58 1.61 17.17 20.99
CA HIS A 58 1.44 16.89 19.56
C HIS A 58 0.62 17.97 18.91
N TYR A 59 -0.42 18.41 19.60
CA TYR A 59 -1.33 19.42 19.09
C TYR A 59 -1.12 20.82 19.71
N ILE A 60 0.11 21.10 20.15
CA ILE A 60 0.40 22.30 20.96
C ILE A 60 0.01 23.63 20.28
N ASP A 61 0.19 23.69 18.97
CA ASP A 61 -0.18 24.87 18.14
C ASP A 61 -1.68 25.19 18.20
N LEU A 62 -2.50 24.23 18.61
CA LEU A 62 -3.96 24.36 18.64
C LEU A 62 -4.52 24.60 20.05
N ALA A 63 -3.64 24.95 21.00
CA ALA A 63 -3.99 25.01 22.41
C ALA A 63 -5.08 26.06 22.72
N SER A 64 -5.17 27.11 21.92
CA SER A 64 -6.17 28.16 22.17
C SER A 64 -7.50 27.90 21.46
N LYS A 65 -7.58 26.85 20.65
CA LYS A 65 -8.77 26.56 19.84
C LYS A 65 -9.82 25.87 20.71
N PRO A 66 -11.13 26.09 20.40
CA PRO A 66 -12.14 25.58 21.33
C PRO A 66 -12.31 24.04 21.30
N PHE A 67 -11.79 23.39 20.27
CA PHE A 67 -11.90 21.94 20.17
C PHE A 67 -10.75 21.24 20.89
N TYR A 68 -9.77 22.00 21.40
CA TYR A 68 -8.49 21.41 21.86
C TYR A 68 -8.66 20.40 22.97
N SER A 69 -9.44 20.78 23.98
CA SER A 69 -9.66 19.91 25.11
C SER A 69 -10.21 18.55 24.69
N GLY A 70 -11.25 18.57 23.86
CA GLY A 70 -11.89 17.36 23.36
C GLY A 70 -10.96 16.55 22.46
N LEU A 71 -10.18 17.25 21.64
CA LEU A 71 -9.19 16.62 20.77
C LEU A 71 -8.12 15.86 21.58
N VAL A 72 -7.60 16.49 22.61
CA VAL A 72 -6.53 15.90 23.45
C VAL A 72 -7.06 14.70 24.23
N SER A 73 -8.28 14.83 24.78
CA SER A 73 -8.94 13.73 25.50
CA SER A 73 -8.91 13.71 25.50
C SER A 73 -9.17 12.54 24.57
N TYR A 74 -9.71 12.83 23.38
CA TYR A 74 -10.02 11.76 22.42
CA TYR A 74 -10.02 11.77 22.39
C TYR A 74 -8.76 11.07 21.90
N PHE A 75 -7.75 11.86 21.56
CA PHE A 75 -6.51 11.32 20.98
C PHE A 75 -5.80 10.37 21.95
N SER A 76 -5.96 10.63 23.26
CA SER A 76 -5.39 9.80 24.30
C SER A 76 -6.39 8.80 24.90
N SER A 77 -7.54 8.60 24.25
CA SER A 77 -8.58 7.72 24.81
C SER A 77 -8.38 6.23 24.55
N GLY A 78 -7.49 5.89 23.63
CA GLY A 78 -7.26 4.54 23.21
C GLY A 78 -6.05 4.47 22.31
N PRO A 79 -5.70 3.28 21.82
CA PRO A 79 -4.47 3.16 21.06
C PRO A 79 -4.53 3.85 19.69
N ILE A 80 -3.38 4.35 19.26
CA ILE A 80 -3.15 4.81 17.91
C ILE A 80 -2.09 3.92 17.27
N VAL A 81 -2.01 3.97 15.95
CA VAL A 81 -0.89 3.37 15.24
C VAL A 81 -0.08 4.52 14.66
N GLY A 82 1.13 4.69 15.15
CA GLY A 82 2.06 5.66 14.61
C GLY A 82 2.96 5.08 13.53
N MET A 83 3.21 5.87 12.50
CA MET A 83 4.00 5.43 11.34
C MET A 83 4.93 6.53 10.89
N VAL A 84 6.07 6.14 10.34
CA VAL A 84 6.92 7.04 9.61
C VAL A 84 7.07 6.48 8.20
N TRP A 85 6.79 7.32 7.20
CA TRP A 85 6.88 6.94 5.78
C TRP A 85 7.90 7.80 5.12
N GLU A 86 8.64 7.21 4.20
CA GLU A 86 9.71 7.87 3.49
C GLU A 86 9.46 7.88 1.99
N GLY A 87 9.66 9.02 1.35
CA GLY A 87 9.52 9.10 -0.10
C GLY A 87 9.52 10.52 -0.61
N LEU A 88 9.69 10.63 -1.92
CA LEU A 88 9.69 11.95 -2.57
C LEU A 88 8.35 12.61 -2.34
N GLY A 89 8.37 13.80 -1.73
CA GLY A 89 7.17 14.58 -1.48
C GLY A 89 6.19 13.92 -0.55
N VAL A 90 6.66 12.99 0.29
CA VAL A 90 5.75 12.19 1.13
C VAL A 90 4.95 13.03 2.13
N VAL A 91 5.44 14.19 2.57
CA VAL A 91 4.63 15.00 3.49
C VAL A 91 3.35 15.46 2.79
N LYS A 92 3.52 16.10 1.63
CA LYS A 92 2.35 16.55 0.86
C LYS A 92 1.54 15.36 0.38
N GLY A 93 2.22 14.32 -0.10
CA GLY A 93 1.53 13.17 -0.69
C GLY A 93 0.72 12.41 0.35
N GLY A 94 1.25 12.30 1.58
CA GLY A 94 0.51 11.70 2.69
C GLY A 94 -0.78 12.43 2.99
N ARG A 95 -0.71 13.75 3.02
CA ARG A 95 -1.90 14.56 3.19
C ARG A 95 -2.93 14.37 2.05
N VAL A 96 -2.43 14.25 0.82
CA VAL A 96 -3.31 13.98 -0.33
C VAL A 96 -4.05 12.65 -0.15
N LEU A 97 -3.33 11.67 0.37
CA LEU A 97 -3.96 10.33 0.62
C LEU A 97 -5.00 10.41 1.72
N LEU A 98 -4.76 11.27 2.70
CA LEU A 98 -5.64 11.34 3.86
C LEU A 98 -6.96 12.03 3.50
N GLY A 99 -6.85 13.06 2.66
CA GLY A 99 -7.97 13.88 2.26
C GLY A 99 -8.10 15.06 3.18
N ALA A 100 -9.11 15.91 2.94
CA ALA A 100 -9.28 17.11 3.73
C ALA A 100 -9.54 16.84 5.19
N THR A 101 -9.11 17.77 6.02
CA THR A 101 -9.30 17.72 7.48
C THR A 101 -10.72 17.36 7.92
N ASN A 102 -11.68 18.08 7.37
CA ASN A 102 -13.08 17.82 7.63
C ASN A 102 -13.55 16.81 6.58
N PRO A 103 -13.95 15.61 7.03
CA PRO A 103 -14.39 14.61 6.06
C PRO A 103 -15.50 15.06 5.13
N ALA A 104 -16.34 16.00 5.56
CA ALA A 104 -17.37 16.57 4.67
C ALA A 104 -16.80 17.23 3.40
N ASP A 105 -15.56 17.67 3.47
CA ASP A 105 -14.88 18.34 2.36
C ASP A 105 -13.95 17.38 1.61
N SER A 106 -13.83 16.13 2.09
CA SER A 106 -12.87 15.16 1.53
CA SER A 106 -12.87 15.17 1.52
C SER A 106 -13.53 14.42 0.38
N LEU A 107 -12.73 14.06 -0.62
CA LEU A 107 -13.26 13.39 -1.79
C LEU A 107 -13.11 11.87 -1.75
N PRO A 108 -14.03 11.17 -2.43
CA PRO A 108 -13.89 9.72 -2.48
C PRO A 108 -12.54 9.37 -3.09
N GLY A 109 -11.96 8.27 -2.63
CA GLY A 109 -10.59 7.91 -2.99
C GLY A 109 -9.63 8.18 -1.87
N THR A 110 -9.89 9.22 -1.06
CA THR A 110 -9.10 9.50 0.12
C THR A 110 -9.55 8.70 1.35
N ILE A 111 -8.69 8.65 2.34
CA ILE A 111 -9.00 7.92 3.58
C ILE A 111 -10.21 8.57 4.24
N ARG A 112 -10.19 9.89 4.45
CA ARG A 112 -11.34 10.54 5.09
C ARG A 112 -12.58 10.59 4.18
N GLY A 113 -12.36 10.72 2.88
CA GLY A 113 -13.48 10.66 1.92
C GLY A 113 -14.21 9.32 1.89
N ASP A 114 -13.46 8.25 2.05
CA ASP A 114 -14.05 6.93 2.00
C ASP A 114 -14.63 6.45 3.33
N PHE A 115 -14.09 6.91 4.45
CA PHE A 115 -14.30 6.24 5.75
C PHE A 115 -14.77 7.12 6.91
N ALA A 116 -14.80 8.44 6.75
CA ALA A 116 -15.10 9.32 7.88
C ALA A 116 -16.19 10.31 7.55
N VAL A 117 -16.90 10.72 8.60
CA VAL A 117 -17.98 11.70 8.51
C VAL A 117 -17.70 13.02 9.23
N ASP A 118 -17.16 12.94 10.44
CA ASP A 118 -17.13 14.04 11.43
C ASP A 118 -15.68 14.48 11.61
N VAL A 119 -15.43 15.79 11.61
CA VAL A 119 -14.05 16.35 11.75
C VAL A 119 -13.38 15.89 13.05
N GLY A 120 -14.18 15.64 14.08
CA GLY A 120 -13.66 15.15 15.35
C GLY A 120 -13.39 13.65 15.44
N ARG A 121 -13.81 12.92 14.41
CA ARG A 121 -13.59 11.48 14.28
C ARG A 121 -13.13 11.23 12.85
N ASN A 122 -11.96 11.78 12.52
CA ASN A 122 -11.48 11.79 11.14
C ASN A 122 -10.33 10.81 10.90
N VAL A 123 -10.29 9.78 11.75
CA VAL A 123 -9.58 8.51 11.63
CA VAL A 123 -9.62 8.52 11.46
C VAL A 123 -8.07 8.54 11.51
N CYS A 124 -7.46 9.64 11.10
CA CYS A 124 -6.02 9.65 10.86
CA CYS A 124 -6.02 9.64 10.83
C CYS A 124 -5.44 11.05 10.99
N HIS A 125 -4.11 11.09 11.14
CA HIS A 125 -3.34 12.30 11.21
C HIS A 125 -2.18 12.21 10.21
N GLY A 126 -1.84 13.31 9.58
CA GLY A 126 -0.54 13.43 8.89
C GLY A 126 0.16 14.79 9.11
N SER A 127 1.48 14.75 9.21
CA SER A 127 2.27 15.97 9.36
C SER A 127 1.95 16.95 8.24
N ASP A 128 1.89 18.24 8.56
CA ASP A 128 1.48 19.25 7.57
C ASP A 128 2.63 19.98 6.86
N SER A 129 3.87 19.73 7.26
CA SER A 129 5.03 20.32 6.63
C SER A 129 6.26 19.50 6.89
N VAL A 130 7.31 19.76 6.13
CA VAL A 130 8.56 19.04 6.33
C VAL A 130 9.11 19.30 7.76
N GLU A 131 9.00 20.54 8.22
CA GLU A 131 9.45 20.94 9.58
C GLU A 131 8.63 20.28 10.69
N SER A 132 7.32 20.30 10.57
CA SER A 132 6.47 19.68 11.58
C SER A 132 6.62 18.16 11.55
N ALA A 133 6.83 17.58 10.37
CA ALA A 133 7.08 16.14 10.27
C ALA A 133 8.32 15.75 11.04
N LYS A 134 9.40 16.52 10.90
CA LYS A 134 10.62 16.20 11.64
C LYS A 134 10.39 16.26 13.15
N ARG A 135 9.63 17.26 13.60
CA ARG A 135 9.29 17.41 15.01
C ARG A 135 8.44 16.25 15.52
N GLU A 136 7.42 15.89 14.75
CA GLU A 136 6.51 14.80 15.12
C GLU A 136 7.21 13.45 15.20
N ILE A 137 8.00 13.16 14.17
CA ILE A 137 8.79 11.93 14.14
C ILE A 137 9.69 11.84 15.38
N ALA A 138 10.37 12.94 15.70
CA ALA A 138 11.29 13.00 16.84
C ALA A 138 10.53 12.84 18.16
N PHE A 139 9.30 13.30 18.19
CA PHE A 139 8.49 13.24 19.38
C PHE A 139 7.96 11.82 19.68
N TRP A 140 7.51 11.14 18.64
CA TRP A 140 6.85 9.84 18.79
C TRP A 140 7.74 8.65 18.67
N PHE A 141 8.88 8.78 17.98
CA PHE A 141 9.75 7.66 17.71
C PHE A 141 11.14 7.89 18.29
N LYS A 142 11.70 6.84 18.87
CA LYS A 142 13.13 6.82 19.20
C LYS A 142 13.88 6.40 17.98
N ALA A 143 15.16 6.79 17.89
CA ALA A 143 15.95 6.47 16.72
C ALA A 143 16.03 4.97 16.53
N GLU A 144 16.03 4.20 17.62
CA GLU A 144 16.07 2.72 17.55
C GLU A 144 14.83 2.13 16.87
N GLU A 145 13.75 2.89 16.83
CA GLU A 145 12.50 2.41 16.25
C GLU A 145 12.36 2.76 14.78
N LEU A 146 13.33 3.45 14.21
CA LEU A 146 13.31 3.79 12.80
C LEU A 146 14.28 2.86 12.12
N VAL A 147 13.87 2.24 11.01
CA VAL A 147 14.70 1.26 10.34
C VAL A 147 15.17 1.82 9.01
N SER A 148 16.48 1.83 8.84
CA SER A 148 17.13 2.20 7.60
C SER A 148 17.16 0.98 6.69
N TRP A 149 16.44 1.03 5.56
CA TRP A 149 16.50 -0.06 4.59
C TRP A 149 16.23 0.42 3.19
N THR A 150 16.51 -0.42 2.21
CA THR A 150 16.34 -0.03 0.81
C THR A 150 15.29 -0.92 0.17
N SER A 151 14.27 -0.29 -0.41
CA SER A 151 13.22 -1.04 -1.09
C SER A 151 13.82 -1.63 -2.35
N HIS A 152 13.54 -2.91 -2.58
CA HIS A 152 13.99 -3.54 -3.82
C HIS A 152 13.33 -2.94 -5.04
N SER A 153 12.28 -2.14 -4.85
CA SER A 153 11.53 -1.49 -5.96
C SER A 153 11.91 -0.02 -6.16
N VAL A 154 12.94 0.45 -5.47
CA VAL A 154 13.30 1.86 -5.52
C VAL A 154 13.56 2.38 -6.96
N LYS A 155 14.21 1.60 -7.82
CA LYS A 155 14.48 2.04 -9.21
C LYS A 155 13.25 1.97 -10.13
N GLN A 156 12.21 1.26 -9.68
CA GLN A 156 10.98 1.14 -10.41
CA GLN A 156 10.98 1.14 -10.42
C GLN A 156 10.06 2.29 -10.05
N ILE A 157 10.27 2.86 -8.84
CA ILE A 157 9.43 3.98 -8.36
C ILE A 157 10.06 5.36 -8.65
N TYR A 158 11.40 5.44 -8.65
CA TYR A 158 12.13 6.71 -8.89
C TYR A 158 13.08 6.63 -10.07
N GLU A 159 13.03 7.68 -10.88
CA GLU A 159 13.90 7.79 -12.03
C GLU A 159 15.36 7.95 -11.62
N ARG A 160 15.63 8.82 -10.65
CA ARG A 160 17.03 9.16 -10.32
C ARG A 160 17.76 8.07 -9.51
N ALA A 161 17.02 7.19 -8.87
CA ALA A 161 17.62 6.07 -8.12
C ALA A 161 18.31 5.11 -9.09
N PRO B 10 -11.49 -15.73 24.86
CA PRO B 10 -11.17 -14.64 23.94
C PRO B 10 -9.83 -13.92 24.18
N SER B 11 -9.21 -14.10 25.34
CA SER B 11 -7.96 -13.41 25.66
C SER B 11 -6.72 -14.12 25.11
N GLU B 12 -6.89 -15.25 24.42
CA GLU B 12 -5.77 -15.90 23.76
C GLU B 12 -5.02 -14.93 22.86
N ARG B 13 -3.70 -15.10 22.80
CA ARG B 13 -2.87 -14.21 21.97
C ARG B 13 -1.91 -15.02 21.12
N THR B 14 -1.58 -14.47 19.95
CA THR B 14 -0.59 -15.05 19.08
C THR B 14 0.37 -14.02 18.53
N PHE B 15 1.55 -14.49 18.12
CA PHE B 15 2.54 -13.66 17.46
C PHE B 15 2.52 -13.94 15.96
N ILE B 16 2.34 -12.86 15.20
CA ILE B 16 2.35 -12.92 13.74
C ILE B 16 3.46 -11.98 13.28
N ALA B 17 4.26 -12.39 12.31
CA ALA B 17 5.26 -11.52 11.74
C ALA B 17 5.11 -11.48 10.23
N VAL B 18 5.21 -10.28 9.67
CA VAL B 18 5.47 -10.14 8.25
C VAL B 18 7.00 -10.27 8.08
N LYS B 19 7.44 -11.28 7.32
CA LYS B 19 8.85 -11.56 7.13
C LYS B 19 9.45 -10.53 6.17
N PRO B 20 10.78 -10.50 6.01
CA PRO B 20 11.33 -9.41 5.19
C PRO B 20 10.86 -9.36 3.75
N ASP B 21 10.54 -10.50 3.16
CA ASP B 21 9.98 -10.56 1.81
C ASP B 21 8.57 -9.95 1.74
N GLY B 22 7.78 -10.22 2.77
CA GLY B 22 6.48 -9.60 2.86
C GLY B 22 6.49 -8.08 3.02
N VAL B 23 7.42 -7.57 3.82
CA VAL B 23 7.62 -6.13 3.89
C VAL B 23 8.06 -5.55 2.53
N GLN B 24 9.08 -6.16 1.93
CA GLN B 24 9.59 -5.72 0.66
C GLN B 24 8.53 -5.74 -0.41
N ARG B 25 7.64 -6.73 -0.37
CA ARG B 25 6.61 -6.88 -1.40
C ARG B 25 5.29 -6.19 -1.03
N ASN B 26 5.33 -5.29 -0.05
CA ASN B 26 4.19 -4.41 0.21
C ASN B 26 2.92 -5.15 0.63
N LEU B 27 3.08 -6.12 1.53
CA LEU B 27 2.00 -6.94 2.01
C LEU B 27 1.63 -6.65 3.45
N VAL B 28 2.24 -5.63 4.06
CA VAL B 28 1.99 -5.40 5.49
C VAL B 28 0.52 -5.05 5.73
N GLY B 29 0.05 -4.03 5.02
CA GLY B 29 -1.33 -3.62 5.16
C GLY B 29 -2.33 -4.70 4.82
N GLU B 30 -2.10 -5.41 3.72
CA GLU B 30 -2.96 -6.51 3.33
C GLU B 30 -3.07 -7.56 4.44
N ILE B 31 -1.94 -7.90 5.09
CA ILE B 31 -1.96 -8.88 6.13
C ILE B 31 -2.71 -8.38 7.36
N ILE B 32 -2.41 -7.16 7.78
CA ILE B 32 -3.12 -6.56 8.90
C ILE B 32 -4.60 -6.49 8.62
N LYS B 33 -4.99 -6.06 7.42
CA LYS B 33 -6.42 -6.01 7.07
C LYS B 33 -7.12 -7.35 7.28
N ARG B 34 -6.49 -8.44 6.86
CA ARG B 34 -7.12 -9.76 6.98
C ARG B 34 -7.39 -10.14 8.43
N PHE B 35 -6.45 -9.79 9.31
CA PHE B 35 -6.62 -10.08 10.71
C PHE B 35 -7.69 -9.16 11.32
N GLU B 36 -7.68 -7.88 10.95
CA GLU B 36 -8.75 -6.98 11.46
C GLU B 36 -10.13 -7.42 10.97
N ASN B 37 -10.23 -7.78 9.70
CA ASN B 37 -11.51 -8.18 9.13
C ASN B 37 -12.12 -9.39 9.83
N LYS B 38 -11.26 -10.31 10.27
CA LYS B 38 -11.66 -11.55 10.94
C LYS B 38 -12.31 -11.27 12.30
N GLY B 39 -11.94 -10.17 12.95
CA GLY B 39 -12.43 -9.84 14.30
C GLY B 39 -11.39 -9.89 15.39
N TYR B 40 -10.14 -10.16 15.01
CA TYR B 40 -9.06 -10.20 15.98
C TYR B 40 -8.60 -8.79 16.34
N LYS B 41 -8.05 -8.65 17.54
CA LYS B 41 -7.67 -7.37 18.12
C LYS B 41 -6.15 -7.22 18.18
N LEU B 42 -5.65 -6.13 17.61
CA LEU B 42 -4.23 -5.81 17.59
C LEU B 42 -3.81 -5.22 18.92
N VAL B 43 -2.91 -5.92 19.63
CA VAL B 43 -2.45 -5.44 20.94
C VAL B 43 -0.93 -5.18 20.99
N GLY B 44 -0.22 -5.48 19.90
CA GLY B 44 1.18 -5.16 19.77
C GLY B 44 1.56 -5.03 18.32
N LEU B 45 2.41 -4.04 18.02
CA LEU B 45 2.83 -3.80 16.63
C LEU B 45 4.16 -3.06 16.60
N LYS B 46 5.12 -3.59 15.86
CA LYS B 46 6.41 -2.91 15.73
C LYS B 46 7.06 -3.29 14.41
N LEU B 47 7.82 -2.35 13.88
CA LEU B 47 8.74 -2.61 12.74
C LEU B 47 10.18 -2.63 13.28
N LEU B 48 10.92 -3.69 12.98
CA LEU B 48 12.31 -3.81 13.40
C LEU B 48 13.06 -4.76 12.48
N GLN B 49 14.38 -4.60 12.44
CA GLN B 49 15.23 -5.54 11.71
C GLN B 49 15.82 -6.50 12.71
N PRO B 50 15.45 -7.77 12.61
CA PRO B 50 16.02 -8.75 13.53
C PRO B 50 17.54 -8.79 13.44
N THR B 51 18.17 -8.96 14.59
CA THR B 51 19.58 -9.32 14.61
C THR B 51 19.74 -10.78 14.16
N GLU B 52 20.95 -11.16 13.77
CA GLU B 52 21.24 -12.56 13.51
C GLU B 52 20.85 -13.45 14.69
N GLU B 53 21.17 -12.99 15.91
CA GLU B 53 20.86 -13.77 17.10
C GLU B 53 19.37 -13.91 17.34
N GLN B 54 18.61 -12.84 17.08
CA GLN B 54 17.15 -12.96 17.17
C GLN B 54 16.62 -13.96 16.15
N ALA B 55 17.17 -13.94 14.94
CA ALA B 55 16.75 -14.86 13.87
C ALA B 55 17.07 -16.28 14.28
N LYS B 56 18.27 -16.49 14.87
CA LYS B 56 18.61 -17.85 15.30
C LYS B 56 17.66 -18.37 16.38
N GLN B 57 17.27 -17.51 17.30
CA GLN B 57 16.45 -17.92 18.45
C GLN B 57 15.02 -18.11 18.03
N HIS B 58 14.54 -17.25 17.14
CA HIS B 58 13.14 -17.33 16.76
C HIS B 58 12.88 -18.63 16.07
N TYR B 59 13.88 -19.06 15.30
CA TYR B 59 13.85 -20.34 14.64
C TYR B 59 14.70 -21.45 15.28
N ILE B 60 14.86 -21.39 16.59
CA ILE B 60 15.76 -22.29 17.33
C ILE B 60 15.45 -23.78 17.16
N ASP B 61 14.18 -24.13 17.02
CA ASP B 61 13.79 -25.54 16.80
C ASP B 61 14.18 -26.07 15.42
N LEU B 62 14.62 -25.20 14.51
CA LEU B 62 15.12 -25.64 13.18
C LEU B 62 16.65 -25.62 13.04
N ALA B 63 17.35 -25.44 14.16
CA ALA B 63 18.80 -25.26 14.14
C ALA B 63 19.54 -26.42 13.47
N SER B 64 19.02 -27.64 13.61
CA SER B 64 19.66 -28.79 12.98
C SER B 64 19.28 -28.99 11.50
N LYS B 65 18.41 -28.14 10.95
CA LYS B 65 17.98 -28.33 9.57
C LYS B 65 18.97 -27.72 8.59
N PRO B 66 19.05 -28.26 7.38
CA PRO B 66 20.04 -27.75 6.42
C PRO B 66 19.70 -26.37 5.84
N PHE B 67 18.43 -25.98 5.89
CA PHE B 67 17.97 -24.65 5.44
C PHE B 67 18.13 -23.53 6.50
N TYR B 68 18.74 -23.84 7.65
CA TYR B 68 18.73 -22.92 8.80
C TYR B 68 19.54 -21.65 8.58
N SER B 69 20.80 -21.80 8.17
CA SER B 69 21.65 -20.62 8.09
C SER B 69 21.08 -19.63 7.06
N GLY B 70 20.54 -20.15 5.96
CA GLY B 70 19.87 -19.29 4.97
C GLY B 70 18.63 -18.62 5.50
N LEU B 71 17.82 -19.36 6.25
CA LEU B 71 16.63 -18.82 6.89
C LEU B 71 17.06 -17.70 7.86
N VAL B 72 18.10 -17.97 8.66
CA VAL B 72 18.59 -17.00 9.63
C VAL B 72 19.11 -15.71 8.97
N SER B 73 19.91 -15.88 7.92
CA SER B 73 20.47 -14.75 7.19
CA SER B 73 20.47 -14.74 7.21
C SER B 73 19.36 -13.92 6.56
N TYR B 74 18.40 -14.56 5.91
CA TYR B 74 17.30 -13.83 5.26
CA TYR B 74 17.31 -13.82 5.26
C TYR B 74 16.40 -13.12 6.27
N PHE B 75 16.08 -13.79 7.38
CA PHE B 75 15.19 -13.21 8.36
C PHE B 75 15.78 -11.99 9.03
N SER B 76 17.12 -11.92 9.07
CA SER B 76 17.84 -10.79 9.64
C SER B 76 18.35 -9.79 8.59
N SER B 77 17.91 -9.92 7.32
CA SER B 77 18.43 -9.13 6.20
C SER B 77 17.74 -7.78 6.04
N GLY B 78 16.58 -7.62 6.67
CA GLY B 78 15.80 -6.39 6.55
C GLY B 78 14.64 -6.40 7.55
N PRO B 79 13.81 -5.35 7.51
CA PRO B 79 12.76 -5.23 8.51
C PRO B 79 11.67 -6.28 8.39
N ILE B 80 11.16 -6.66 9.56
CA ILE B 80 9.91 -7.42 9.70
C ILE B 80 8.91 -6.52 10.41
N VAL B 81 7.65 -6.90 10.36
CA VAL B 81 6.63 -6.27 11.20
C VAL B 81 6.16 -7.33 12.17
N GLY B 82 6.35 -7.11 13.47
CA GLY B 82 5.90 -8.04 14.50
C GLY B 82 4.59 -7.57 15.06
N MET B 83 3.70 -8.54 15.32
CA MET B 83 2.34 -8.25 15.77
C MET B 83 1.91 -9.22 16.85
N VAL B 84 1.12 -8.73 17.78
CA VAL B 84 0.43 -9.56 18.71
C VAL B 84 -1.08 -9.33 18.48
N TRP B 85 -1.77 -10.44 18.24
CA TRP B 85 -3.23 -10.42 18.03
C TRP B 85 -3.93 -11.19 19.11
N GLU B 86 -5.08 -10.69 19.52
CA GLU B 86 -5.88 -11.28 20.59
C GLU B 86 -7.24 -11.71 20.09
N GLY B 87 -7.67 -12.90 20.47
CA GLY B 87 -9.00 -13.35 20.16
C GLY B 87 -9.21 -14.82 20.41
N LEU B 88 -10.47 -15.22 20.44
CA LEU B 88 -10.82 -16.62 20.60
C LEU B 88 -10.19 -17.45 19.53
N GLY B 89 -9.40 -18.45 19.95
CA GLY B 89 -8.77 -19.38 19.00
C GLY B 89 -7.79 -18.74 18.04
N VAL B 90 -7.21 -17.60 18.41
CA VAL B 90 -6.41 -16.80 17.47
C VAL B 90 -5.09 -17.46 17.05
N VAL B 91 -4.55 -18.35 17.88
CA VAL B 91 -3.33 -19.07 17.46
C VAL B 91 -3.64 -19.93 16.23
N LYS B 92 -4.63 -20.81 16.35
CA LYS B 92 -5.03 -21.66 15.23
C LYS B 92 -5.59 -20.79 14.10
N GLY B 93 -6.37 -19.78 14.46
CA GLY B 93 -7.03 -18.93 13.47
C GLY B 93 -6.05 -18.15 12.61
N GLY B 94 -5.01 -17.62 13.26
CA GLY B 94 -3.97 -16.92 12.58
C GLY B 94 -3.28 -17.84 11.58
N ARG B 95 -3.03 -19.09 11.95
CA ARG B 95 -2.38 -20.00 11.01
C ARG B 95 -3.27 -20.38 9.85
N VAL B 96 -4.57 -20.46 10.09
CA VAL B 96 -5.51 -20.70 9.01
C VAL B 96 -5.48 -19.52 8.02
N LEU B 97 -5.42 -18.30 8.52
CA LEU B 97 -5.32 -17.11 7.66
C LEU B 97 -4.03 -17.12 6.83
N LEU B 98 -2.94 -17.57 7.43
CA LEU B 98 -1.63 -17.59 6.77
C LEU B 98 -1.56 -18.61 5.65
N GLY B 99 -2.18 -19.78 5.89
CA GLY B 99 -2.15 -20.90 4.94
C GLY B 99 -0.98 -21.83 5.20
N ALA B 100 -0.90 -22.90 4.43
CA ALA B 100 0.10 -23.92 4.63
C ALA B 100 1.50 -23.34 4.50
N THR B 101 2.42 -23.91 5.29
CA THR B 101 3.81 -23.48 5.31
C THR B 101 4.46 -23.39 3.94
N ASN B 102 4.26 -24.41 3.10
CA ASN B 102 4.74 -24.40 1.73
C ASN B 102 3.63 -23.78 0.90
N PRO B 103 3.91 -22.63 0.27
CA PRO B 103 2.89 -21.98 -0.53
C PRO B 103 2.33 -22.84 -1.65
N ALA B 104 3.11 -23.81 -2.15
CA ALA B 104 2.60 -24.82 -3.09
C ALA B 104 1.38 -25.60 -2.57
N ASP B 105 1.29 -25.75 -1.25
CA ASP B 105 0.21 -26.47 -0.61
C ASP B 105 -0.90 -25.54 -0.11
N SER B 106 -0.68 -24.23 -0.15
CA SER B 106 -1.65 -23.28 0.45
C SER B 106 -2.73 -22.95 -0.59
N LEU B 107 -3.92 -22.68 -0.07
CA LEU B 107 -5.07 -22.46 -0.94
C LEU B 107 -5.34 -20.99 -1.16
N PRO B 108 -5.89 -20.65 -2.32
CA PRO B 108 -6.34 -19.29 -2.54
C PRO B 108 -7.28 -18.87 -1.43
N GLY B 109 -7.20 -17.59 -1.09
CA GLY B 109 -7.87 -17.03 0.07
C GLY B 109 -6.94 -16.85 1.25
N THR B 110 -5.95 -17.72 1.39
CA THR B 110 -4.94 -17.54 2.43
C THR B 110 -3.84 -16.59 1.96
N ILE B 111 -3.05 -16.09 2.92
CA ILE B 111 -1.96 -15.15 2.60
C ILE B 111 -0.93 -15.81 1.69
N ARG B 112 -0.44 -17.00 2.07
CA ARG B 112 0.53 -17.68 1.24
C ARG B 112 -0.08 -18.18 -0.05
N GLY B 113 -1.34 -18.56 0.00
CA GLY B 113 -2.04 -19.02 -1.21
C GLY B 113 -2.22 -17.94 -2.25
N ASP B 114 -2.45 -16.72 -1.79
CA ASP B 114 -2.67 -15.59 -2.69
C ASP B 114 -1.37 -14.93 -3.13
N PHE B 115 -0.33 -14.96 -2.29
CA PHE B 115 0.82 -14.09 -2.49
C PHE B 115 2.21 -14.74 -2.55
N ALA B 116 2.35 -16.03 -2.25
CA ALA B 116 3.70 -16.62 -2.18
C ALA B 116 3.85 -17.86 -3.06
N VAL B 117 5.09 -18.16 -3.47
CA VAL B 117 5.39 -19.31 -4.28
C VAL B 117 6.34 -20.31 -3.61
N ASP B 118 7.34 -19.80 -2.89
CA ASP B 118 8.51 -20.58 -2.45
C ASP B 118 8.50 -20.68 -0.94
N VAL B 119 8.76 -21.88 -0.42
CA VAL B 119 8.69 -22.12 1.04
C VAL B 119 9.66 -21.22 1.81
N GLY B 120 10.81 -20.93 1.21
CA GLY B 120 11.77 -20.01 1.81
C GLY B 120 11.49 -18.53 1.70
N ARG B 121 10.45 -18.17 0.95
CA ARG B 121 10.02 -16.79 0.82
C ARG B 121 8.51 -16.81 0.97
N ASN B 122 8.07 -17.19 2.15
CA ASN B 122 6.64 -17.43 2.39
C ASN B 122 5.95 -16.35 3.23
N VAL B 123 6.53 -15.15 3.17
CA VAL B 123 5.83 -13.90 3.51
CA VAL B 123 5.98 -13.84 3.55
C VAL B 123 5.59 -13.57 4.99
N CYS B 124 5.30 -14.59 5.79
CA CYS B 124 4.80 -14.35 7.14
CA CYS B 124 4.70 -14.38 7.12
C CYS B 124 5.05 -15.56 8.02
N HIS B 125 4.91 -15.34 9.32
CA HIS B 125 5.04 -16.34 10.35
C HIS B 125 3.88 -16.24 11.30
N GLY B 126 3.46 -17.36 11.85
CA GLY B 126 2.53 -17.32 13.01
C GLY B 126 2.92 -18.40 13.99
N SER B 127 2.77 -18.08 15.28
CA SER B 127 2.98 -19.07 16.34
C SER B 127 2.19 -20.34 16.11
N ASP B 128 2.78 -21.47 16.49
CA ASP B 128 2.19 -22.79 16.23
C ASP B 128 1.37 -23.36 17.37
N SER B 129 1.36 -22.68 18.51
CA SER B 129 0.64 -23.18 19.69
C SER B 129 0.48 -22.06 20.69
N VAL B 130 -0.42 -22.25 21.64
CA VAL B 130 -0.59 -21.30 22.71
C VAL B 130 0.72 -21.06 23.46
N GLU B 131 1.45 -22.12 23.78
CA GLU B 131 2.69 -21.96 24.53
C GLU B 131 3.76 -21.30 23.67
N SER B 132 3.91 -21.71 22.42
CA SER B 132 4.95 -21.07 21.61
CA SER B 132 4.90 -21.09 21.52
C SER B 132 4.61 -19.60 21.39
N ALA B 133 3.34 -19.27 21.27
CA ALA B 133 2.92 -17.87 21.16
C ALA B 133 3.37 -17.04 22.38
N LYS B 134 3.11 -17.56 23.59
CA LYS B 134 3.48 -16.89 24.81
C LYS B 134 4.98 -16.66 24.81
N ARG B 135 5.76 -17.64 24.35
CA ARG B 135 7.23 -17.48 24.30
C ARG B 135 7.69 -16.48 23.25
N GLU B 136 7.06 -16.51 22.07
CA GLU B 136 7.40 -15.55 21.01
C GLU B 136 7.02 -14.12 21.41
N ILE B 137 5.86 -13.95 22.04
CA ILE B 137 5.41 -12.63 22.46
C ILE B 137 6.44 -12.06 23.44
N ALA B 138 6.84 -12.88 24.40
CA ALA B 138 7.81 -12.51 25.44
C ALA B 138 9.17 -12.18 24.84
N PHE B 139 9.53 -12.87 23.78
CA PHE B 139 10.82 -12.65 23.13
C PHE B 139 10.89 -11.33 22.36
N TRP B 140 9.81 -11.00 21.66
CA TRP B 140 9.77 -9.86 20.72
C TRP B 140 9.25 -8.57 21.28
N PHE B 141 8.48 -8.63 22.38
CA PHE B 141 7.87 -7.45 22.97
C PHE B 141 8.20 -7.32 24.46
N LYS B 142 8.49 -6.10 24.87
CA LYS B 142 8.59 -5.76 26.30
C LYS B 142 7.19 -5.60 26.86
N ALA B 143 7.05 -5.76 28.17
CA ALA B 143 5.73 -5.67 28.82
C ALA B 143 5.06 -4.35 28.48
N GLU B 144 5.85 -3.28 28.47
CA GLU B 144 5.31 -1.95 28.27
C GLU B 144 4.92 -1.65 26.83
N GLU B 145 5.26 -2.54 25.91
CA GLU B 145 4.93 -2.35 24.51
C GLU B 145 3.56 -2.92 24.08
N LEU B 146 2.93 -3.72 24.93
CA LEU B 146 1.63 -4.24 24.59
C LEU B 146 0.59 -3.22 25.04
N VAL B 147 -0.52 -3.14 24.31
CA VAL B 147 -1.58 -2.20 24.66
C VAL B 147 -2.84 -2.98 24.94
N SER B 148 -3.40 -2.79 26.11
CA SER B 148 -4.67 -3.42 26.50
CA SER B 148 -4.67 -3.42 26.47
C SER B 148 -5.78 -2.43 26.23
N TRP B 149 -6.80 -2.85 25.48
CA TRP B 149 -7.92 -1.99 25.19
C TRP B 149 -9.11 -2.82 24.85
N THR B 150 -10.30 -2.23 24.86
CA THR B 150 -11.55 -2.96 24.58
C THR B 150 -12.09 -2.50 23.22
N SER B 151 -12.21 -3.44 22.30
CA SER B 151 -12.86 -3.16 21.02
C SER B 151 -14.30 -2.79 21.30
N HIS B 152 -14.74 -1.70 20.70
CA HIS B 152 -16.14 -1.32 20.78
C HIS B 152 -17.02 -2.32 20.10
N SER B 153 -16.44 -3.24 19.33
CA SER B 153 -17.20 -4.26 18.59
C SER B 153 -17.19 -5.63 19.28
N VAL B 154 -16.66 -5.70 20.50
CA VAL B 154 -16.50 -7.00 21.17
C VAL B 154 -17.80 -7.79 21.32
N LYS B 155 -18.92 -7.12 21.62
CA LYS B 155 -20.21 -7.82 21.78
C LYS B 155 -20.85 -8.24 20.45
N GLN B 156 -20.35 -7.66 19.35
CA GLN B 156 -20.81 -8.02 18.03
C GLN B 156 -20.03 -9.23 17.55
N ILE B 157 -18.81 -9.42 18.04
CA ILE B 157 -17.94 -10.51 17.61
C ILE B 157 -18.08 -11.76 18.48
N TYR B 158 -18.36 -11.55 19.78
CA TYR B 158 -18.47 -12.63 20.77
C TYR B 158 -19.80 -12.65 21.49
N GLU B 159 -20.34 -13.85 21.63
CA GLU B 159 -21.61 -14.05 22.31
C GLU B 159 -21.43 -13.82 23.80
N ARG B 160 -20.35 -14.33 24.36
CA ARG B 160 -20.14 -14.31 25.82
C ARG B 160 -19.63 -12.97 26.41
N ALA B 161 -19.27 -12.01 25.56
CA ALA B 161 -18.74 -10.71 26.01
C ALA B 161 -19.81 -9.84 26.69
N MET C 9 -19.25 9.47 -30.38
CA MET C 9 -19.76 8.11 -30.72
C MET C 9 -19.11 7.03 -29.83
N PRO C 10 -19.90 6.00 -29.46
CA PRO C 10 -19.36 4.95 -28.61
C PRO C 10 -18.25 4.11 -29.26
N SER C 11 -18.01 4.27 -30.56
CA SER C 11 -16.96 3.52 -31.24
C SER C 11 -15.58 4.21 -31.14
N GLU C 12 -15.49 5.35 -30.48
CA GLU C 12 -14.20 6.00 -30.26
C GLU C 12 -13.22 5.01 -29.62
N ARG C 13 -11.95 5.14 -29.98
CA ARG C 13 -10.92 4.23 -29.45
C ARG C 13 -9.71 5.02 -28.97
N THR C 14 -9.02 4.44 -27.98
CA THR C 14 -7.77 5.02 -27.49
C THR C 14 -6.72 3.96 -27.23
N PHE C 15 -5.46 4.39 -27.23
CA PHE C 15 -4.34 3.51 -26.92
C PHE C 15 -3.90 3.80 -25.50
N ILE C 16 -3.87 2.74 -24.67
CA ILE C 16 -3.38 2.84 -23.30
C ILE C 16 -2.23 1.87 -23.19
N ALA C 17 -1.14 2.27 -22.53
CA ALA C 17 -0.07 1.33 -22.25
C ALA C 17 0.25 1.30 -20.77
N VAL C 18 0.55 0.09 -20.30
CA VAL C 18 1.23 -0.07 -19.00
C VAL C 18 2.71 0.01 -19.34
N LYS C 19 3.39 1.03 -18.79
CA LYS C 19 4.81 1.24 -19.05
C LYS C 19 5.65 0.24 -18.27
N PRO C 20 6.97 0.19 -18.55
CA PRO C 20 7.72 -0.91 -17.94
C PRO C 20 7.70 -0.97 -16.41
N ASP C 21 7.60 0.20 -15.76
CA ASP C 21 7.48 0.24 -14.29
C ASP C 21 6.18 -0.36 -13.83
N GLY C 22 5.12 -0.10 -14.59
CA GLY C 22 3.80 -0.68 -14.28
C GLY C 22 3.80 -2.20 -14.40
N VAL C 23 4.47 -2.72 -15.42
CA VAL C 23 4.56 -4.18 -15.54
C VAL C 23 5.39 -4.76 -14.38
N GLN C 24 6.56 -4.15 -14.15
CA GLN C 24 7.44 -4.59 -13.08
C GLN C 24 6.77 -4.59 -11.73
N ARG C 25 5.91 -3.59 -11.49
CA ARG C 25 5.26 -3.43 -10.18
C ARG C 25 3.88 -4.10 -10.11
N ASN C 26 3.60 -4.98 -11.07
CA ASN C 26 2.42 -5.86 -11.01
C ASN C 26 1.11 -5.08 -11.01
N LEU C 27 1.03 -4.07 -11.86
CA LEU C 27 -0.17 -3.25 -12.00
C LEU C 27 -0.96 -3.54 -13.27
N VAL C 28 -0.61 -4.60 -13.99
CA VAL C 28 -1.31 -4.84 -15.29
C VAL C 28 -2.79 -5.15 -15.05
N GLY C 29 -3.03 -6.15 -14.20
CA GLY C 29 -4.39 -6.53 -13.86
C GLY C 29 -5.20 -5.38 -13.27
N GLU C 30 -4.60 -4.66 -12.32
CA GLU C 30 -5.31 -3.55 -11.66
C GLU C 30 -5.74 -2.50 -12.69
N ILE C 31 -4.85 -2.18 -13.64
CA ILE C 31 -5.15 -1.17 -14.66
C ILE C 31 -6.26 -1.62 -15.61
N ILE C 32 -6.20 -2.88 -16.05
CA ILE C 32 -7.22 -3.43 -16.93
C ILE C 32 -8.55 -3.47 -16.22
N LYS C 33 -8.55 -3.89 -14.96
CA LYS C 33 -9.77 -3.93 -14.15
C LYS C 33 -10.45 -2.56 -14.11
N ARG C 34 -9.68 -1.48 -13.91
CA ARG C 34 -10.30 -0.15 -13.85
C ARG C 34 -11.01 0.22 -15.13
N PHE C 35 -10.42 -0.14 -16.26
CA PHE C 35 -11.02 0.13 -17.57
C PHE C 35 -12.26 -0.74 -17.80
N GLU C 36 -12.18 -2.02 -17.42
CA GLU C 36 -13.34 -2.90 -17.55
C GLU C 36 -14.48 -2.41 -16.68
N ASN C 37 -14.15 -2.03 -15.45
CA ASN C 37 -15.17 -1.61 -14.49
C ASN C 37 -15.95 -0.39 -14.98
N LYS C 38 -15.24 0.52 -15.62
CA LYS C 38 -15.82 1.74 -16.17
C LYS C 38 -16.83 1.48 -17.29
N GLY C 39 -16.70 0.37 -18.01
CA GLY C 39 -17.62 0.05 -19.09
C GLY C 39 -16.98 0.09 -20.45
N TYR C 40 -15.68 0.39 -20.48
CA TYR C 40 -14.94 0.41 -21.74
C TYR C 40 -14.66 -1.01 -22.26
N LYS C 41 -14.52 -1.16 -23.58
CA LYS C 41 -14.39 -2.44 -24.21
C LYS C 41 -13.00 -2.68 -24.74
N LEU C 42 -12.39 -3.80 -24.34
CA LEU C 42 -11.06 -4.14 -24.78
C LEU C 42 -11.09 -4.73 -26.17
N VAL C 43 -10.43 -4.06 -27.13
CA VAL C 43 -10.39 -4.54 -28.53
C VAL C 43 -8.97 -4.85 -29.06
N GLY C 44 -7.96 -4.56 -28.27
CA GLY C 44 -6.58 -4.92 -28.61
C GLY C 44 -5.77 -5.05 -27.34
N LEU C 45 -4.89 -6.06 -27.28
CA LEU C 45 -4.09 -6.30 -26.08
C LEU C 45 -2.85 -7.10 -26.48
N LYS C 46 -1.68 -6.61 -26.09
CA LYS C 46 -0.48 -7.41 -26.24
C LYS C 46 0.63 -6.95 -25.32
N LEU C 47 1.49 -7.91 -24.98
CA LEU C 47 2.72 -7.65 -24.26
C LEU C 47 3.84 -7.57 -25.26
N LEU C 48 4.64 -6.51 -25.22
CA LEU C 48 5.78 -6.42 -26.13
C LEU C 48 6.87 -5.60 -25.52
N GLN C 49 8.08 -5.75 -26.07
CA GLN C 49 9.26 -5.06 -25.68
CA GLN C 49 9.21 -4.93 -25.62
C GLN C 49 9.51 -3.94 -26.70
N PRO C 50 9.17 -2.65 -26.41
CA PRO C 50 9.47 -1.65 -27.42
C PRO C 50 10.95 -1.53 -27.66
N THR C 51 11.32 -1.24 -28.91
CA THR C 51 12.66 -0.84 -29.24
C THR C 51 12.82 0.66 -28.93
N GLU C 52 14.07 1.08 -28.81
CA GLU C 52 14.32 2.50 -28.59
C GLU C 52 13.73 3.35 -29.71
N GLU C 53 13.84 2.89 -30.96
CA GLU C 53 13.30 3.65 -32.07
C GLU C 53 11.79 3.73 -32.00
N GLN C 54 11.12 2.65 -31.62
CA GLN C 54 9.67 2.73 -31.43
C GLN C 54 9.32 3.74 -30.36
N ALA C 55 10.08 3.75 -29.25
CA ALA C 55 9.81 4.70 -28.17
C ALA C 55 10.05 6.15 -28.66
N LYS C 56 11.13 6.36 -29.44
CA LYS C 56 11.41 7.68 -29.98
C LYS C 56 10.24 8.18 -30.82
N GLN C 57 9.66 7.28 -31.63
CA GLN C 57 8.55 7.67 -32.52
C GLN C 57 7.24 7.90 -31.78
N HIS C 58 6.95 7.01 -30.85
CA HIS C 58 5.78 7.13 -30.01
C HIS C 58 5.75 8.48 -29.33
N TYR C 59 6.90 8.94 -28.85
CA TYR C 59 6.99 10.24 -28.18
C TYR C 59 7.64 11.34 -29.02
N ILE C 60 7.51 11.26 -30.34
CA ILE C 60 8.28 12.12 -31.25
C ILE C 60 8.05 13.61 -31.01
N ASP C 61 6.84 13.99 -30.61
CA ASP C 61 6.51 15.39 -30.36
C ASP C 61 7.34 16.00 -29.22
N LEU C 62 7.87 15.15 -28.36
CA LEU C 62 8.60 15.56 -27.18
C LEU C 62 10.13 15.53 -27.35
N ALA C 63 10.61 15.34 -28.59
CA ALA C 63 12.03 15.14 -28.90
C ALA C 63 12.94 16.25 -28.38
N SER C 64 12.43 17.47 -28.28
CA SER C 64 13.26 18.60 -27.81
C SER C 64 13.29 18.73 -26.27
N LYS C 65 12.50 17.92 -25.55
CA LYS C 65 12.37 18.10 -24.09
C LYS C 65 13.55 17.49 -23.37
N PRO C 66 13.92 18.07 -22.21
CA PRO C 66 15.09 17.56 -21.51
C PRO C 66 14.93 16.10 -21.04
N PHE C 67 13.70 15.67 -20.76
CA PHE C 67 13.42 14.31 -20.29
C PHE C 67 13.33 13.25 -21.42
N TYR C 68 13.44 13.65 -22.69
CA TYR C 68 13.16 12.71 -23.79
C TYR C 68 14.10 11.50 -23.85
N SER C 69 15.41 11.74 -23.76
CA SER C 69 16.37 10.64 -23.81
CA SER C 69 16.35 10.63 -23.83
C SER C 69 16.10 9.60 -22.72
N GLY C 70 15.86 10.08 -21.50
CA GLY C 70 15.53 9.19 -20.38
C GLY C 70 14.20 8.46 -20.58
N LEU C 71 13.21 9.18 -21.11
CA LEU C 71 11.89 8.61 -21.39
C LEU C 71 12.00 7.48 -22.40
N VAL C 72 12.73 7.73 -23.49
CA VAL C 72 12.83 6.81 -24.60
C VAL C 72 13.63 5.57 -24.15
N SER C 73 14.70 5.77 -23.38
CA SER C 73 15.48 4.66 -22.82
CA SER C 73 15.45 4.63 -22.87
C SER C 73 14.63 3.79 -21.91
N TYR C 74 13.89 4.45 -21.01
CA TYR C 74 13.11 3.71 -20.02
C TYR C 74 11.98 2.92 -20.67
N PHE C 75 11.28 3.57 -21.60
CA PHE C 75 10.10 2.97 -22.24
C PHE C 75 10.49 1.72 -23.01
N SER C 76 11.73 1.68 -23.50
CA SER C 76 12.27 0.54 -24.22
C SER C 76 13.12 -0.40 -23.36
N SER C 77 13.08 -0.23 -22.04
CA SER C 77 13.94 -1.02 -21.13
C SER C 77 13.39 -2.38 -20.75
N GLY C 78 12.10 -2.62 -21.02
CA GLY C 78 11.47 -3.84 -20.64
C GLY C 78 10.10 -3.88 -21.25
N PRO C 79 9.31 -4.90 -20.91
CA PRO C 79 8.01 -5.07 -21.56
C PRO C 79 7.01 -4.02 -21.16
N ILE C 80 6.13 -3.68 -22.10
CA ILE C 80 4.92 -2.91 -21.82
C ILE C 80 3.73 -3.79 -22.17
N VAL C 81 2.58 -3.40 -21.68
CA VAL C 81 1.33 -3.98 -22.16
C VAL C 81 0.61 -2.90 -22.96
N GLY C 82 0.41 -3.15 -24.25
CA GLY C 82 -0.31 -2.20 -25.12
C GLY C 82 -1.78 -2.61 -25.21
N MET C 83 -2.69 -1.63 -25.14
CA MET C 83 -4.15 -1.89 -25.17
C MET C 83 -4.85 -0.92 -26.10
N VAL C 84 -5.93 -1.37 -26.71
CA VAL C 84 -6.86 -0.50 -27.41
C VAL C 84 -8.22 -0.68 -26.73
N TRP C 85 -8.76 0.42 -26.23
CA TRP C 85 -10.08 0.48 -25.53
C TRP C 85 -11.05 1.25 -26.39
N GLU C 86 -12.30 0.81 -26.40
CA GLU C 86 -13.35 1.43 -27.18
C GLU C 86 -14.47 1.87 -26.27
N GLY C 87 -14.98 3.07 -26.50
CA GLY C 87 -16.17 3.51 -25.76
C GLY C 87 -16.37 5.00 -25.94
N LEU C 88 -17.58 5.43 -25.60
CA LEU C 88 -17.92 6.85 -25.67
C LEU C 88 -16.95 7.68 -24.84
N GLY C 89 -16.33 8.67 -25.47
CA GLY C 89 -15.42 9.56 -24.77
C GLY C 89 -14.20 8.89 -24.19
N VAL C 90 -13.82 7.74 -24.72
CA VAL C 90 -12.75 6.92 -24.12
C VAL C 90 -11.36 7.57 -24.12
N VAL C 91 -11.04 8.40 -25.11
CA VAL C 91 -9.75 9.09 -25.09
C VAL C 91 -9.62 9.96 -23.82
N LYS C 92 -10.56 10.89 -23.62
CA LYS C 92 -10.56 11.74 -22.43
C LYS C 92 -10.77 10.91 -21.17
N GLY C 93 -11.70 9.98 -21.23
CA GLY C 93 -12.07 9.23 -20.03
C GLY C 93 -10.92 8.32 -19.58
N GLY C 94 -10.17 7.77 -20.52
CA GLY C 94 -9.01 6.95 -20.21
C GLY C 94 -7.97 7.74 -19.45
N ARG C 95 -7.73 8.96 -19.91
CA ARG C 95 -6.78 9.86 -19.28
C ARG C 95 -7.27 10.24 -17.88
N VAL C 96 -8.57 10.43 -17.70
CA VAL C 96 -9.09 10.70 -16.36
C VAL C 96 -8.81 9.50 -15.41
N LEU C 97 -9.00 8.29 -15.90
CA LEU C 97 -8.69 7.11 -15.09
C LEU C 97 -7.22 7.03 -14.73
N LEU C 98 -6.36 7.46 -15.67
CA LEU C 98 -4.92 7.44 -15.41
C LEU C 98 -4.49 8.43 -14.34
N GLY C 99 -5.11 9.61 -14.34
CA GLY C 99 -4.77 10.68 -13.43
C GLY C 99 -3.72 11.58 -14.08
N ALA C 100 -3.43 12.68 -13.41
CA ALA C 100 -2.48 13.68 -13.89
C ALA C 100 -1.14 13.11 -14.25
N THR C 101 -0.57 13.63 -15.35
CA THR C 101 0.74 13.17 -15.83
C THR C 101 1.78 13.01 -14.73
N ASN C 102 1.95 14.05 -13.93
CA ASN C 102 2.85 14.00 -12.79
C ASN C 102 2.06 13.46 -11.61
N PRO C 103 2.46 12.29 -11.09
CA PRO C 103 1.66 11.73 -10.00
C PRO C 103 1.52 12.63 -8.77
N ALA C 104 2.45 13.55 -8.53
CA ALA C 104 2.31 14.50 -7.38
C ALA C 104 1.04 15.37 -7.52
N ASP C 105 0.56 15.50 -8.76
CA ASP C 105 -0.66 16.24 -9.08
C ASP C 105 -1.90 15.37 -9.20
N SER C 106 -1.73 14.05 -9.21
CA SER C 106 -2.82 13.08 -9.41
CA SER C 106 -2.85 13.13 -9.42
C SER C 106 -3.61 12.90 -8.13
N LEU C 107 -4.90 12.64 -8.26
CA LEU C 107 -5.74 12.47 -7.11
C LEU C 107 -5.95 10.98 -6.78
N PRO C 108 -6.09 10.67 -5.48
CA PRO C 108 -6.51 9.32 -5.10
C PRO C 108 -7.75 8.90 -5.86
N GLY C 109 -7.84 7.62 -6.21
CA GLY C 109 -8.86 7.13 -7.12
C GLY C 109 -8.35 6.84 -8.51
N THR C 110 -7.34 7.60 -8.93
CA THR C 110 -6.75 7.42 -10.25
C THR C 110 -5.60 6.44 -10.14
N ILE C 111 -5.17 5.92 -11.27
CA ILE C 111 -4.05 4.96 -11.31
C ILE C 111 -2.77 5.59 -10.77
N ARG C 112 -2.40 6.77 -11.29
CA ARG C 112 -1.22 7.47 -10.78
C ARG C 112 -1.39 7.95 -9.37
N GLY C 113 -2.60 8.41 -9.03
CA GLY C 113 -2.91 8.86 -7.66
C GLY C 113 -2.72 7.78 -6.63
N ASP C 114 -3.06 6.55 -7.00
CA ASP C 114 -3.05 5.44 -6.09
C ASP C 114 -1.71 4.72 -6.10
N PHE C 115 -0.98 4.74 -7.21
CA PHE C 115 0.14 3.83 -7.36
C PHE C 115 1.49 4.42 -7.75
N ALA C 116 1.59 5.73 -8.03
CA ALA C 116 2.85 6.28 -8.53
C ALA C 116 3.27 7.55 -7.80
N VAL C 117 4.57 7.83 -7.84
CA VAL C 117 5.17 8.98 -7.16
C VAL C 117 5.82 9.99 -8.12
N ASP C 118 6.59 9.47 -9.09
CA ASP C 118 7.58 10.21 -9.88
C ASP C 118 7.09 10.33 -11.31
N VAL C 119 7.17 11.53 -11.88
CA VAL C 119 6.68 11.76 -13.26
C VAL C 119 7.37 10.84 -14.29
N GLY C 120 8.61 10.48 -14.03
CA GLY C 120 9.34 9.53 -14.89
C GLY C 120 9.04 8.06 -14.66
N ARG C 121 8.31 7.77 -13.60
CA ARG C 121 7.89 6.41 -13.26
C ARG C 121 6.40 6.48 -12.97
N ASN C 122 5.64 6.88 -13.98
CA ASN C 122 4.21 7.14 -13.82
C ASN C 122 3.31 6.06 -14.44
N VAL C 123 3.90 4.87 -14.58
CA VAL C 123 3.26 3.54 -14.77
C VAL C 123 2.45 3.32 -16.04
N CYS C 124 1.98 4.38 -16.68
CA CYS C 124 1.08 4.21 -17.81
C CYS C 124 1.13 5.37 -18.80
N HIS C 125 0.55 5.13 -19.98
CA HIS C 125 0.38 6.12 -21.02
C HIS C 125 -1.03 6.06 -21.54
N GLY C 126 -1.60 7.21 -21.91
CA GLY C 126 -2.83 7.24 -22.71
C GLY C 126 -2.76 8.27 -23.81
N SER C 127 -3.36 7.96 -24.96
CA SER C 127 -3.42 8.92 -26.07
C SER C 127 -4.07 10.20 -25.62
N ASP C 128 -3.62 11.34 -26.19
CA ASP C 128 -4.10 12.64 -25.74
C ASP C 128 -5.19 13.28 -26.57
N SER C 129 -5.56 12.64 -27.67
CA SER C 129 -6.64 13.15 -28.52
C SER C 129 -7.15 12.05 -29.42
N VAL C 130 -8.29 12.30 -30.06
CA VAL C 130 -8.85 11.34 -30.99
C VAL C 130 -7.86 11.03 -32.13
N GLU C 131 -7.25 12.08 -32.67
CA GLU C 131 -6.34 11.87 -33.80
C GLU C 131 -5.02 11.22 -33.37
N SER C 132 -4.46 11.58 -32.22
CA SER C 132 -3.24 10.92 -31.77
C SER C 132 -3.53 9.47 -31.42
N ALA C 133 -4.72 9.20 -30.89
CA ALA C 133 -5.09 7.83 -30.60
C ALA C 133 -5.11 6.99 -31.88
N LYS C 134 -5.71 7.52 -32.94
CA LYS C 134 -5.73 6.79 -34.22
C LYS C 134 -4.30 6.51 -34.69
N ARG C 135 -3.41 7.48 -34.53
CA ARG C 135 -2.00 7.32 -34.92
CA ARG C 135 -2.03 7.29 -34.95
C ARG C 135 -1.31 6.24 -34.09
N GLU C 136 -1.53 6.28 -32.78
CA GLU C 136 -0.89 5.33 -31.87
C GLU C 136 -1.41 3.91 -32.07
N ILE C 137 -2.71 3.77 -32.29
CA ILE C 137 -3.29 2.46 -32.51
C ILE C 137 -2.68 1.85 -33.78
N ALA C 138 -2.64 2.63 -34.85
CA ALA C 138 -2.02 2.21 -36.12
C ALA C 138 -0.52 1.90 -36.02
N PHE C 139 0.18 2.60 -35.13
CA PHE C 139 1.61 2.38 -34.93
C PHE C 139 1.89 1.06 -34.23
N TRP C 140 1.07 0.74 -33.22
CA TRP C 140 1.31 -0.42 -32.35
C TRP C 140 0.60 -1.69 -32.74
N PHE C 141 -0.49 -1.58 -33.50
CA PHE C 141 -1.33 -2.73 -33.83
C PHE C 141 -1.54 -2.81 -35.35
N LYS C 142 -1.41 -4.02 -35.89
CA LYS C 142 -1.85 -4.32 -37.25
C LYS C 142 -3.34 -4.54 -37.25
N ALA C 143 -3.95 -4.35 -38.42
CA ALA C 143 -5.40 -4.43 -38.53
C ALA C 143 -5.89 -5.75 -37.98
N GLU C 144 -5.20 -6.83 -38.32
CA GLU C 144 -5.67 -8.16 -37.97
C GLU C 144 -5.54 -8.46 -36.49
N GLU C 145 -4.82 -7.61 -35.74
CA GLU C 145 -4.64 -7.81 -34.30
C GLU C 145 -5.78 -7.30 -33.46
N LEU C 146 -6.61 -6.41 -33.99
CA LEU C 146 -7.75 -5.90 -33.25
C LEU C 146 -8.87 -6.90 -33.32
N VAL C 147 -9.73 -6.93 -32.31
CA VAL C 147 -10.84 -7.86 -32.30
C VAL C 147 -12.11 -7.07 -32.12
N SER C 148 -13.00 -7.17 -33.10
CA SER C 148 -14.28 -6.50 -33.00
C SER C 148 -15.27 -7.46 -32.42
N TRP C 149 -16.00 -7.01 -31.41
CA TRP C 149 -17.00 -7.84 -30.78
C TRP C 149 -18.00 -6.95 -30.11
N THR C 150 -19.14 -7.52 -29.75
CA THR C 150 -20.21 -6.78 -29.09
C THR C 150 -20.30 -7.19 -27.64
N SER C 151 -20.14 -6.24 -26.71
CA SER C 151 -20.37 -6.52 -25.31
C SER C 151 -21.81 -6.87 -25.07
N HIS C 152 -22.05 -7.96 -24.34
CA HIS C 152 -23.41 -8.32 -23.95
C HIS C 152 -24.03 -7.29 -23.05
N SER C 153 -23.21 -6.39 -22.52
CA SER C 153 -23.67 -5.34 -21.64
C SER C 153 -23.86 -3.97 -22.33
N VAL C 154 -23.75 -3.89 -23.64
CA VAL C 154 -23.76 -2.58 -24.32
C VAL C 154 -25.03 -1.76 -24.04
N LYS C 155 -26.19 -2.40 -23.96
CA LYS C 155 -27.44 -1.69 -23.73
C LYS C 155 -27.67 -1.33 -22.25
N GLN C 156 -26.84 -1.89 -21.35
CA GLN C 156 -26.86 -1.50 -19.96
C GLN C 156 -25.91 -0.31 -19.75
N ILE C 157 -24.90 -0.20 -20.58
CA ILE C 157 -23.91 0.89 -20.49
C ILE C 157 -24.32 2.14 -21.30
N TYR C 158 -25.02 1.93 -22.42
CA TYR C 158 -25.39 3.04 -23.30
C TYR C 158 -26.88 3.10 -23.56
N GLU C 159 -27.41 4.31 -23.48
CA GLU C 159 -28.84 4.55 -23.73
C GLU C 159 -29.18 4.29 -25.20
N ARG C 160 -28.35 4.80 -26.11
CA ARG C 160 -28.55 4.72 -27.56
C ARG C 160 -28.34 3.34 -28.21
N ALA C 161 -27.58 2.44 -27.56
CA ALA C 161 -27.24 1.12 -28.13
C ALA C 161 -28.43 0.33 -28.68
#